data_5LY3
#
_entry.id   5LY3
#
_cell.length_a   54.180
_cell.length_b   70.909
_cell.length_c   62.231
_cell.angle_alpha   90.00
_cell.angle_beta   104.21
_cell.angle_gamma   90.00
#
_symmetry.space_group_name_H-M   'P 1 21 1'
#
loop_
_entity.id
_entity.type
_entity.pdbx_description
1 polymer 'Actin/actin family protein'
2 polymer 'Actin-like protein'
3 non-polymer "ADENOSINE-5'-DIPHOSPHATE"
4 water water
#
loop_
_entity_poly.entity_id
_entity_poly.type
_entity_poly.pdbx_seq_one_letter_code
_entity_poly.pdbx_strand_id
1 'polypeptide(L)'
;MGVISDAYRLKYTFGVDFGTSYVKYGPITLNEPKMVQTRGLFLRDLPESVKMRIPPDVLARGLVVGDEEVRKYLSSVRDV
QRNLKYPLKDGVARRDDEEAWRVLKELARYTLAQFPVSDPEFAGWLVAVALSALAPDYMYKAIFDIYDELASEFKIYAVT
ILPQPLAVAIAENAVNCVIVEGGHGNIQVAPISFALIREGLVALNRGGAEANAITREILKDIGYSDIAREEYAVEVVKRA
VGLVPRRLKEAIRAAKSDPDRFVTKVRLSPVVEVEIPREYAWTRFLIGEIVFDPNHEEIKSYIEQSRLRIENAVIGDVTL
YGEMDVASAIITSLRNVSVEIQERVASQIILSGGAFSWRVPPGMEDVAADSVTRVKIALEEKSPALASKVEVRLVSEPQY
SVWRGAVIYGYALPLSLEWSDTTREGWRFPRR
;
A
2 'polypeptide(L)' GGIGENEWVKILRSKR B
#
loop_
_chem_comp.id
_chem_comp.type
_chem_comp.name
_chem_comp.formula
ADP non-polymer ADENOSINE-5'-DIPHOSPHATE 'C10 H15 N5 O10 P2'
#
# COMPACT_ATOMS: atom_id res chain seq x y z
N ILE A 4 -32.35 1.25 -9.79
CA ILE A 4 -31.33 1.13 -8.75
C ILE A 4 -31.62 2.11 -7.63
N SER A 5 -32.09 1.59 -6.51
CA SER A 5 -32.48 2.42 -5.38
C SER A 5 -31.29 2.72 -4.47
N ASP A 6 -31.52 3.63 -3.54
CA ASP A 6 -30.53 3.93 -2.51
C ASP A 6 -30.24 2.71 -1.65
N ALA A 7 -31.29 2.01 -1.21
CA ALA A 7 -31.09 0.81 -0.41
C ALA A 7 -30.26 -0.23 -1.18
N TYR A 8 -30.46 -0.33 -2.49
CA TYR A 8 -29.70 -1.29 -3.28
C TYR A 8 -28.21 -0.98 -3.21
N ARG A 9 -27.84 0.31 -3.32
CA ARG A 9 -26.43 0.67 -3.33
C ARG A 9 -25.79 0.51 -1.95
N LEU A 10 -26.59 0.51 -0.88
CA LEU A 10 -26.07 0.26 0.45
C LEU A 10 -25.84 -1.21 0.74
N LYS A 11 -26.27 -2.10 -0.17
CA LYS A 11 -26.00 -3.53 -0.10
C LYS A 11 -24.96 -4.00 -1.10
N TYR A 12 -24.94 -3.44 -2.31
CA TYR A 12 -24.24 -4.07 -3.44
C TYR A 12 -23.18 -3.18 -4.08
N THR A 13 -22.68 -2.17 -3.37
CA THR A 13 -21.39 -1.55 -3.70
C THR A 13 -20.24 -2.46 -3.27
N PHE A 14 -19.27 -2.67 -4.17
CA PHE A 14 -18.17 -3.61 -3.99
C PHE A 14 -16.86 -2.87 -4.24
N GLY A 15 -15.96 -2.86 -3.25
CA GLY A 15 -14.69 -2.13 -3.35
C GLY A 15 -13.51 -3.05 -3.54
N VAL A 16 -12.57 -2.66 -4.42
CA VAL A 16 -11.34 -3.40 -4.68
C VAL A 16 -10.17 -2.41 -4.74
N ASP A 17 -9.26 -2.50 -3.77
CA ASP A 17 -8.04 -1.69 -3.72
C ASP A 17 -6.85 -2.56 -4.12
N PHE A 18 -6.26 -2.29 -5.30
CA PHE A 18 -5.12 -3.06 -5.80
C PHE A 18 -3.82 -2.47 -5.27
N GLY A 19 -3.40 -2.91 -4.08
CA GLY A 19 -2.13 -2.49 -3.52
C GLY A 19 -0.93 -3.19 -4.17
N THR A 20 0.25 -2.63 -3.90
CA THR A 20 1.49 -3.22 -4.41
C THR A 20 1.81 -4.57 -3.77
N SER A 21 1.31 -4.85 -2.57
CA SER A 21 1.55 -6.16 -1.94
C SER A 21 0.28 -6.85 -1.46
N TYR A 22 -0.79 -6.12 -1.15
CA TYR A 22 -2.06 -6.71 -0.75
C TYR A 22 -3.23 -6.06 -1.49
N VAL A 23 -4.17 -6.88 -1.92
CA VAL A 23 -5.47 -6.45 -2.42
C VAL A 23 -6.45 -6.45 -1.24
N LYS A 24 -7.14 -5.32 -1.03
CA LYS A 24 -8.16 -5.19 0.00
C LYS A 24 -9.53 -5.13 -0.68
N TYR A 25 -10.47 -5.99 -0.28
CA TYR A 25 -11.66 -6.19 -1.11
C TYR A 25 -12.90 -6.59 -0.31
N GLY A 26 -14.07 -6.27 -0.90
CA GLY A 26 -15.33 -6.79 -0.44
C GLY A 26 -16.49 -5.79 -0.46
N PRO A 27 -17.69 -6.27 -0.11
CA PRO A 27 -18.88 -5.41 -0.15
C PRO A 27 -18.88 -4.34 0.93
N ILE A 28 -19.68 -3.29 0.67
CA ILE A 28 -19.86 -2.17 1.58
C ILE A 28 -20.38 -2.60 2.95
N THR A 29 -21.00 -3.78 3.05
CA THR A 29 -21.55 -4.27 4.31
C THR A 29 -20.51 -4.91 5.24
N LEU A 30 -19.27 -5.04 4.82
CA LEU A 30 -18.21 -5.58 5.70
C LEU A 30 -17.78 -4.52 6.71
N ASN A 31 -17.37 -4.99 7.89
CA ASN A 31 -16.82 -4.06 8.88
C ASN A 31 -15.33 -3.79 8.64
N GLU A 32 -14.61 -4.74 8.07
CA GLU A 32 -13.24 -4.61 7.59
C GLU A 32 -13.12 -5.37 6.29
N PRO A 33 -12.27 -4.93 5.37
CA PRO A 33 -12.11 -5.68 4.11
C PRO A 33 -11.35 -6.98 4.33
N LYS A 34 -11.60 -7.95 3.44
CA LYS A 34 -10.72 -9.11 3.29
C LYS A 34 -9.43 -8.68 2.59
N MET A 35 -8.37 -9.49 2.78
CA MET A 35 -7.07 -9.21 2.15
C MET A 35 -6.50 -10.48 1.50
N VAL A 36 -5.84 -10.30 0.34
CA VAL A 36 -5.14 -11.37 -0.37
C VAL A 36 -3.90 -10.79 -1.02
N GLN A 37 -2.79 -11.52 -0.99
CA GLN A 37 -1.55 -10.99 -1.54
C GLN A 37 -1.66 -10.78 -3.05
N THR A 38 -1.06 -9.67 -3.52
CA THR A 38 -1.10 -9.27 -4.94
C THR A 38 -0.03 -10.06 -5.71
N ARG A 39 -0.32 -11.36 -5.92
CA ARG A 39 0.63 -12.27 -6.53
C ARG A 39 -0.08 -13.52 -7.03
N GLY A 40 0.57 -14.22 -7.96
CA GLY A 40 0.10 -15.53 -8.40
C GLY A 40 1.27 -16.47 -8.63
N LEU A 41 1.01 -17.77 -8.44
CA LEU A 41 2.03 -18.82 -8.57
C LEU A 41 1.78 -19.63 -9.83
N PHE A 42 2.68 -19.54 -10.79
CA PHE A 42 2.61 -20.39 -11.99
C PHE A 42 3.12 -21.78 -11.65
N LEU A 43 2.40 -22.82 -12.11
CA LEU A 43 2.72 -24.23 -11.82
C LEU A 43 3.50 -24.80 -13.00
N ARG A 44 4.82 -24.77 -12.91
CA ARG A 44 5.70 -25.21 -13.99
C ARG A 44 6.78 -26.14 -13.48
N ASP A 45 7.18 -27.08 -14.34
CA ASP A 45 8.34 -27.95 -14.09
C ASP A 45 8.13 -28.88 -12.90
N LEU A 46 6.89 -29.22 -12.59
CA LEU A 46 6.69 -29.95 -11.34
C LEU A 46 6.99 -31.43 -11.52
N PRO A 47 7.59 -32.08 -10.52
CA PRO A 47 7.82 -33.53 -10.62
C PRO A 47 6.51 -34.28 -10.81
N GLU A 48 6.56 -35.35 -11.61
CA GLU A 48 5.40 -36.21 -11.78
C GLU A 48 4.89 -36.73 -10.44
N SER A 49 5.80 -36.98 -9.49
CA SER A 49 5.38 -37.37 -8.15
C SER A 49 4.43 -36.35 -7.54
N VAL A 50 4.74 -35.06 -7.71
CA VAL A 50 3.90 -34.00 -7.15
C VAL A 50 2.66 -33.78 -7.99
N LYS A 51 2.82 -33.73 -9.32
CA LYS A 51 1.68 -33.49 -10.20
C LYS A 51 0.63 -34.59 -10.07
N MET A 52 1.02 -35.78 -9.63
CA MET A 52 0.08 -36.91 -9.57
C MET A 52 -1.13 -36.59 -8.69
N ARG A 53 -0.94 -35.77 -7.65
CA ARG A 53 -1.98 -35.56 -6.64
C ARG A 53 -2.54 -34.14 -6.65
N ILE A 54 -2.43 -33.45 -7.79
CA ILE A 54 -3.04 -32.14 -7.96
C ILE A 54 -4.31 -32.30 -8.77
N PRO A 55 -5.41 -31.65 -8.41
CA PRO A 55 -6.65 -31.77 -9.21
C PRO A 55 -6.41 -31.40 -10.66
N PRO A 56 -7.05 -32.11 -11.61
CA PRO A 56 -6.79 -31.83 -13.03
C PRO A 56 -7.12 -30.41 -13.46
N ASP A 57 -8.21 -29.83 -12.97
CA ASP A 57 -8.59 -28.49 -13.41
C ASP A 57 -7.59 -27.44 -12.92
N VAL A 58 -6.95 -27.68 -11.77
CA VAL A 58 -5.93 -26.76 -11.27
C VAL A 58 -4.65 -26.88 -12.07
N LEU A 59 -4.24 -28.12 -12.35
CA LEU A 59 -3.04 -28.36 -13.14
C LEU A 59 -3.18 -27.76 -14.54
N ALA A 60 -4.37 -27.92 -15.15
CA ALA A 60 -4.61 -27.37 -16.48
C ALA A 60 -4.55 -25.85 -16.48
N ARG A 61 -5.09 -25.22 -15.44
CA ARG A 61 -5.04 -23.76 -15.34
C ARG A 61 -3.59 -23.27 -15.21
N GLY A 62 -2.79 -23.96 -14.41
CA GLY A 62 -1.37 -23.64 -14.30
C GLY A 62 -1.05 -22.38 -13.53
N LEU A 63 -2.00 -21.79 -12.83
CA LEU A 63 -1.80 -20.52 -12.12
C LEU A 63 -2.75 -20.48 -10.93
N VAL A 64 -2.22 -20.21 -9.74
CA VAL A 64 -3.00 -20.21 -8.51
C VAL A 64 -2.91 -18.83 -7.85
N VAL A 65 -4.05 -18.33 -7.36
CA VAL A 65 -4.11 -17.15 -6.49
C VAL A 65 -4.88 -17.52 -5.23
N GLY A 66 -4.73 -16.69 -4.21
CA GLY A 66 -5.32 -16.91 -2.89
C GLY A 66 -4.26 -17.38 -1.91
N ASP A 67 -4.29 -16.83 -0.69
CA ASP A 67 -3.18 -17.07 0.23
C ASP A 67 -3.11 -18.53 0.65
N GLU A 68 -4.23 -19.13 1.05
CA GLU A 68 -4.21 -20.55 1.43
C GLU A 68 -3.79 -21.43 0.26
N GLU A 69 -4.26 -21.10 -0.94
CA GLU A 69 -4.00 -21.96 -2.10
C GLU A 69 -2.53 -21.86 -2.54
N VAL A 70 -1.95 -20.66 -2.56
CA VAL A 70 -0.54 -20.52 -2.89
C VAL A 70 0.32 -21.24 -1.87
N ARG A 71 -0.02 -21.11 -0.57
CA ARG A 71 0.72 -21.81 0.46
C ARG A 71 0.71 -23.32 0.24
N LYS A 72 -0.41 -23.84 -0.29
CA LYS A 72 -0.57 -25.27 -0.50
C LYS A 72 0.52 -25.81 -1.42
N TYR A 73 0.88 -25.06 -2.46
CA TYR A 73 1.79 -25.55 -3.50
C TYR A 73 3.20 -24.96 -3.40
N LEU A 74 3.44 -24.00 -2.51
CA LEU A 74 4.73 -23.32 -2.49
C LEU A 74 5.86 -24.28 -2.13
N SER A 75 5.64 -25.17 -1.17
CA SER A 75 6.68 -26.11 -0.78
C SER A 75 7.12 -26.98 -1.95
N SER A 76 6.24 -27.21 -2.91
CA SER A 76 6.53 -28.13 -4.02
C SER A 76 7.40 -27.49 -5.09
N VAL A 77 7.35 -26.17 -5.24
CA VAL A 77 8.10 -25.47 -6.28
C VAL A 77 9.48 -25.14 -5.73
N ARG A 78 10.52 -25.62 -6.42
CA ARG A 78 11.88 -25.42 -5.94
C ARG A 78 12.40 -24.02 -6.26
N ASP A 79 12.04 -23.49 -7.43
CA ASP A 79 12.50 -22.18 -7.90
C ASP A 79 11.30 -21.25 -7.98
N VAL A 80 11.01 -20.56 -6.88
CA VAL A 80 9.82 -19.72 -6.81
C VAL A 80 10.11 -18.27 -7.14
N GLN A 81 11.38 -17.87 -7.27
CA GLN A 81 11.67 -16.54 -7.78
C GLN A 81 11.22 -16.43 -9.25
N ARG A 82 11.40 -17.51 -10.01
CA ARG A 82 11.01 -17.52 -11.41
C ARG A 82 9.50 -17.63 -11.60
N ASN A 83 8.79 -18.21 -10.62
CA ASN A 83 7.41 -18.65 -10.84
C ASN A 83 6.37 -17.89 -10.02
N LEU A 84 6.77 -17.10 -9.02
CA LEU A 84 5.84 -16.24 -8.28
C LEU A 84 5.87 -14.84 -8.89
N LYS A 85 4.73 -14.40 -9.44
CA LYS A 85 4.62 -13.14 -10.18
C LYS A 85 3.89 -12.10 -9.34
N TYR A 86 4.53 -10.94 -9.15
CA TYR A 86 3.95 -9.80 -8.43
C TYR A 86 3.65 -8.69 -9.43
N PRO A 87 2.41 -8.57 -9.92
CA PRO A 87 2.16 -7.67 -11.07
C PRO A 87 2.26 -6.19 -10.75
N LEU A 88 2.14 -5.76 -9.50
CA LEU A 88 2.10 -4.33 -9.14
C LEU A 88 3.19 -3.95 -8.13
N LYS A 89 4.34 -4.60 -8.19
CA LYS A 89 5.33 -4.35 -7.14
C LYS A 89 5.79 -2.89 -7.13
N ASP A 90 5.70 -2.17 -8.27
CA ASP A 90 5.96 -0.73 -8.26
C ASP A 90 4.71 0.10 -8.58
N GLY A 91 3.52 -0.50 -8.52
CA GLY A 91 2.28 0.20 -8.73
C GLY A 91 1.76 0.20 -10.16
N VAL A 92 2.55 -0.26 -11.13
CA VAL A 92 2.17 -0.22 -12.53
C VAL A 92 2.51 -1.56 -13.17
N ALA A 93 1.53 -2.15 -13.86
CA ALA A 93 1.78 -3.30 -14.71
C ALA A 93 2.05 -2.80 -16.12
N ARG A 94 3.20 -3.20 -16.68
CA ARG A 94 3.57 -2.74 -18.01
C ARG A 94 2.58 -3.23 -19.05
N ARG A 95 2.40 -2.41 -20.10
CA ARG A 95 1.35 -2.63 -21.08
C ARG A 95 1.42 -4.03 -21.69
N ASP A 96 2.63 -4.50 -22.03
CA ASP A 96 2.81 -5.75 -22.76
C ASP A 96 3.24 -6.91 -21.87
N ASP A 97 3.11 -6.77 -20.55
CA ASP A 97 3.46 -7.84 -19.60
C ASP A 97 2.23 -8.75 -19.46
N GLU A 98 2.17 -9.79 -20.31
CA GLU A 98 0.97 -10.63 -20.35
C GLU A 98 0.77 -11.44 -19.08
N GLU A 99 1.86 -11.87 -18.44
CA GLU A 99 1.71 -12.61 -17.18
C GLU A 99 1.17 -11.71 -16.07
N ALA A 100 1.60 -10.45 -16.03
CA ALA A 100 1.09 -9.52 -15.03
C ALA A 100 -0.42 -9.36 -15.16
N TRP A 101 -0.91 -9.18 -16.39
CA TRP A 101 -2.32 -8.94 -16.59
C TRP A 101 -3.14 -10.21 -16.39
N ARG A 102 -2.56 -11.38 -16.66
CA ARG A 102 -3.25 -12.62 -16.33
C ARG A 102 -3.42 -12.76 -14.81
N VAL A 103 -2.39 -12.41 -14.03
CA VAL A 103 -2.53 -12.49 -12.57
C VAL A 103 -3.58 -11.50 -12.07
N LEU A 104 -3.63 -10.29 -12.63
CA LEU A 104 -4.63 -9.32 -12.20
C LEU A 104 -6.05 -9.80 -12.51
N LYS A 105 -6.27 -10.39 -13.69
CA LYS A 105 -7.61 -10.92 -13.99
C LYS A 105 -7.99 -12.05 -13.04
N GLU A 106 -7.04 -12.92 -12.71
CA GLU A 106 -7.30 -14.02 -11.78
C GLU A 106 -7.65 -13.49 -10.39
N LEU A 107 -7.00 -12.40 -9.96
CA LEU A 107 -7.31 -11.79 -8.67
C LEU A 107 -8.68 -11.13 -8.68
N ALA A 108 -9.03 -10.46 -9.78
CA ALA A 108 -10.38 -9.90 -9.92
C ALA A 108 -11.45 -10.98 -9.85
N ARG A 109 -11.19 -12.14 -10.45
CA ARG A 109 -12.12 -13.27 -10.41
C ARG A 109 -12.24 -13.84 -9.00
N TYR A 110 -11.10 -14.12 -8.36
CA TYR A 110 -11.09 -14.71 -7.03
C TYR A 110 -11.84 -13.83 -6.02
N THR A 111 -11.63 -12.51 -6.06
CA THR A 111 -12.27 -11.67 -5.05
C THR A 111 -13.79 -11.64 -5.21
N LEU A 112 -14.29 -11.57 -6.44
CA LEU A 112 -15.74 -11.64 -6.64
C LEU A 112 -16.29 -12.99 -6.22
N ALA A 113 -15.53 -14.06 -6.42
CA ALA A 113 -16.02 -15.42 -6.14
C ALA A 113 -16.21 -15.69 -4.65
N GLN A 114 -15.66 -14.86 -3.77
CA GLN A 114 -15.79 -15.07 -2.33
C GLN A 114 -17.14 -14.58 -1.78
N PHE A 115 -17.99 -13.95 -2.59
CA PHE A 115 -19.25 -13.36 -2.09
C PHE A 115 -20.46 -13.77 -2.92
N PRO A 116 -21.09 -14.92 -2.59
CA PRO A 116 -22.20 -15.44 -3.43
C PRO A 116 -23.51 -14.65 -3.40
N VAL A 117 -24.54 -15.18 -4.08
CA VAL A 117 -25.86 -14.56 -4.23
C VAL A 117 -26.87 -15.38 -3.42
N SER A 118 -27.75 -14.69 -2.69
CA SER A 118 -28.91 -15.39 -2.12
C SER A 118 -30.02 -14.39 -1.76
N ASP A 119 -30.38 -13.54 -2.72
CA ASP A 119 -31.46 -12.56 -2.56
C ASP A 119 -31.89 -12.04 -3.93
N PRO A 120 -33.04 -12.52 -4.44
CA PRO A 120 -33.42 -12.25 -5.84
C PRO A 120 -33.43 -10.81 -6.34
N GLU A 121 -33.66 -9.79 -5.50
CA GLU A 121 -33.71 -8.45 -6.08
C GLU A 121 -32.31 -7.89 -6.42
N PHE A 122 -31.33 -8.77 -6.62
CA PHE A 122 -29.97 -8.41 -6.97
C PHE A 122 -29.77 -8.56 -8.47
N ALA A 123 -29.21 -7.52 -9.11
CA ALA A 123 -28.98 -7.51 -10.55
C ALA A 123 -27.56 -7.05 -10.89
N GLY A 124 -26.61 -7.31 -10.00
CA GLY A 124 -25.22 -7.01 -10.29
C GLY A 124 -24.57 -6.08 -9.29
N TRP A 125 -23.26 -6.22 -9.13
CA TRP A 125 -22.50 -5.36 -8.25
C TRP A 125 -22.23 -4.00 -8.91
N LEU A 126 -22.01 -2.98 -8.07
CA LEU A 126 -21.45 -1.71 -8.51
C LEU A 126 -20.02 -1.64 -7.96
N VAL A 127 -19.04 -1.86 -8.84
CA VAL A 127 -17.65 -2.09 -8.45
C VAL A 127 -16.88 -0.77 -8.53
N ALA A 128 -16.15 -0.45 -7.46
CA ALA A 128 -15.28 0.72 -7.41
C ALA A 128 -13.85 0.26 -7.15
N VAL A 129 -12.96 0.53 -8.11
CA VAL A 129 -11.58 0.05 -8.09
C VAL A 129 -10.65 1.24 -7.79
N ALA A 130 -9.69 1.04 -6.88
CA ALA A 130 -8.66 2.03 -6.59
C ALA A 130 -7.31 1.56 -7.13
N LEU A 131 -6.62 2.45 -7.87
CA LEU A 131 -5.29 2.22 -8.43
C LEU A 131 -4.34 3.33 -7.99
N SER A 132 -3.03 3.06 -8.09
CA SER A 132 -2.02 4.07 -7.80
C SER A 132 -2.23 5.34 -8.62
N ALA A 133 -1.87 6.49 -8.04
CA ALA A 133 -1.84 7.72 -8.81
C ALA A 133 -0.82 7.65 -9.95
N LEU A 134 0.10 6.68 -9.91
CA LEU A 134 1.08 6.48 -10.97
C LEU A 134 0.51 5.77 -12.20
N ALA A 135 -0.71 5.25 -12.14
CA ALA A 135 -1.22 4.37 -13.18
C ALA A 135 -1.47 5.14 -14.48
N PRO A 136 -0.89 4.73 -15.61
CA PRO A 136 -1.16 5.44 -16.87
C PRO A 136 -2.53 5.09 -17.44
N ASP A 137 -2.89 5.80 -18.51
CA ASP A 137 -4.21 5.65 -19.11
C ASP A 137 -4.45 4.21 -19.56
N TYR A 138 -3.41 3.53 -20.05
CA TYR A 138 -3.60 2.18 -20.58
C TYR A 138 -3.94 1.20 -19.46
N MET A 139 -3.52 1.47 -18.22
CA MET A 139 -3.91 0.62 -17.09
C MET A 139 -5.39 0.74 -16.79
N TYR A 140 -5.92 1.97 -16.82
CA TYR A 140 -7.35 2.18 -16.67
C TYR A 140 -8.13 1.37 -17.72
N LYS A 141 -7.67 1.40 -18.97
CA LYS A 141 -8.39 0.69 -20.01
C LYS A 141 -8.32 -0.82 -19.80
N ALA A 142 -7.16 -1.33 -19.40
CA ALA A 142 -7.00 -2.78 -19.21
C ALA A 142 -7.82 -3.28 -18.02
N ILE A 143 -7.94 -2.48 -16.97
CA ILE A 143 -8.77 -2.88 -15.83
C ILE A 143 -10.24 -2.87 -16.21
N PHE A 144 -10.68 -1.84 -16.94
CA PHE A 144 -12.06 -1.85 -17.44
C PHE A 144 -12.33 -3.08 -18.29
N ASP A 145 -11.37 -3.47 -19.14
CA ASP A 145 -11.53 -4.66 -19.97
C ASP A 145 -11.69 -5.92 -19.13
N ILE A 146 -10.90 -6.04 -18.07
CA ILE A 146 -11.00 -7.23 -17.21
C ILE A 146 -12.41 -7.36 -16.64
N TYR A 147 -12.98 -6.25 -16.13
CA TYR A 147 -14.30 -6.35 -15.51
C TYR A 147 -15.41 -6.51 -16.55
N ASP A 148 -15.21 -6.00 -17.77
CA ASP A 148 -16.16 -6.26 -18.85
C ASP A 148 -16.18 -7.74 -19.22
N GLU A 149 -15.00 -8.38 -19.28
CA GLU A 149 -14.93 -9.82 -19.54
C GLU A 149 -15.55 -10.62 -18.41
N LEU A 150 -15.27 -10.25 -17.15
CA LEU A 150 -15.83 -11.01 -16.03
C LEU A 150 -17.33 -10.81 -15.86
N ALA A 151 -17.91 -9.78 -16.50
CA ALA A 151 -19.34 -9.58 -16.46
C ALA A 151 -20.11 -10.71 -17.13
N SER A 152 -19.44 -11.57 -17.88
CA SER A 152 -20.09 -12.76 -18.43
C SER A 152 -20.09 -13.94 -17.46
N GLU A 153 -19.29 -13.86 -16.39
CA GLU A 153 -19.20 -14.90 -15.38
C GLU A 153 -19.89 -14.54 -14.08
N PHE A 154 -20.00 -13.24 -13.80
CA PHE A 154 -20.60 -12.69 -12.60
C PHE A 154 -21.54 -11.57 -13.01
N LYS A 155 -22.53 -11.29 -12.17
CA LYS A 155 -23.43 -10.15 -12.43
C LYS A 155 -22.75 -8.86 -12.00
N ILE A 156 -22.45 -7.99 -12.97
CA ILE A 156 -21.78 -6.71 -12.72
C ILE A 156 -22.59 -5.62 -13.42
N TYR A 157 -23.18 -4.71 -12.64
CA TYR A 157 -24.04 -3.67 -13.19
C TYR A 157 -23.24 -2.48 -13.71
N ALA A 158 -22.21 -2.07 -12.99
CA ALA A 158 -21.45 -0.87 -13.33
C ALA A 158 -20.07 -0.97 -12.69
N VAL A 159 -19.10 -0.24 -13.27
CA VAL A 159 -17.71 -0.23 -12.82
C VAL A 159 -17.16 1.19 -12.92
N THR A 160 -16.36 1.61 -11.92
CA THR A 160 -15.60 2.87 -11.97
C THR A 160 -14.21 2.66 -11.33
N ILE A 161 -13.31 3.62 -11.57
CA ILE A 161 -11.93 3.58 -11.09
C ILE A 161 -11.57 4.95 -10.53
N LEU A 162 -10.81 5.00 -9.42
CA LEU A 162 -10.33 6.26 -8.85
C LEU A 162 -8.91 6.09 -8.29
N PRO A 163 -8.17 7.19 -8.12
CA PRO A 163 -6.82 7.09 -7.55
C PRO A 163 -6.80 6.88 -6.03
N GLN A 164 -5.84 6.09 -5.58
CA GLN A 164 -5.74 5.77 -4.15
C GLN A 164 -5.65 6.98 -3.23
N PRO A 165 -4.87 8.03 -3.51
CA PRO A 165 -4.86 9.17 -2.57
C PRO A 165 -6.22 9.87 -2.44
N LEU A 166 -6.99 9.97 -3.52
CA LEU A 166 -8.32 10.55 -3.40
C LEU A 166 -9.20 9.70 -2.47
N ALA A 167 -9.10 8.37 -2.58
CA ALA A 167 -9.90 7.51 -1.70
C ALA A 167 -9.61 7.76 -0.22
N VAL A 168 -8.33 7.96 0.14
CA VAL A 168 -7.98 8.26 1.54
C VAL A 168 -8.70 9.52 2.01
N ALA A 169 -8.67 10.58 1.19
CA ALA A 169 -9.30 11.84 1.59
C ALA A 169 -10.80 11.66 1.80
N ILE A 170 -11.45 10.83 0.97
CA ILE A 170 -12.88 10.59 1.11
C ILE A 170 -13.16 9.84 2.41
N ALA A 171 -12.39 8.78 2.69
CA ALA A 171 -12.59 8.03 3.92
C ALA A 171 -12.44 8.91 5.15
N GLU A 172 -11.54 9.89 5.10
CA GLU A 172 -11.26 10.76 6.24
C GLU A 172 -12.16 12.00 6.32
N ASN A 173 -13.13 12.14 5.40
CA ASN A 173 -14.01 13.32 5.41
C ASN A 173 -13.20 14.61 5.34
N ALA A 174 -12.18 14.63 4.48
CA ALA A 174 -11.26 15.76 4.34
C ALA A 174 -11.27 16.23 2.89
N VAL A 175 -11.96 17.34 2.63
CA VAL A 175 -12.06 17.83 1.27
C VAL A 175 -10.82 18.63 0.86
N ASN A 176 -10.05 19.15 1.82
CA ASN A 176 -8.83 19.93 1.56
C ASN A 176 -7.70 19.39 2.45
N CYS A 177 -6.68 18.78 1.85
CA CYS A 177 -5.62 18.13 2.61
C CYS A 177 -4.45 17.76 1.69
N VAL A 178 -3.36 17.29 2.31
CA VAL A 178 -2.24 16.64 1.61
C VAL A 178 -2.17 15.20 2.10
N ILE A 179 -2.24 14.22 1.14
CA ILE A 179 -2.21 12.79 1.46
C ILE A 179 -0.80 12.26 1.26
N VAL A 180 -0.34 11.43 2.22
CA VAL A 180 0.93 10.72 2.13
C VAL A 180 0.63 9.23 2.31
N GLU A 181 0.67 8.45 1.22
CA GLU A 181 0.25 7.05 1.21
C GLU A 181 1.45 6.14 0.93
N GLY A 182 1.80 5.33 1.91
CA GLY A 182 3.00 4.50 1.83
C GLY A 182 2.75 3.02 2.04
N GLY A 183 3.09 2.21 1.05
CA GLY A 183 2.96 0.76 1.15
C GLY A 183 4.29 0.05 0.96
N HIS A 184 4.26 -1.18 0.44
CA HIS A 184 5.48 -1.95 0.26
C HIS A 184 6.39 -1.31 -0.79
N GLY A 185 5.81 -0.87 -1.91
CA GLY A 185 6.61 -0.45 -3.06
C GLY A 185 7.08 0.99 -3.08
N ASN A 186 6.23 1.96 -2.68
CA ASN A 186 6.57 3.37 -2.83
C ASN A 186 5.70 4.23 -1.93
N ILE A 187 6.00 5.55 -1.94
CA ILE A 187 5.19 6.57 -1.25
C ILE A 187 4.62 7.55 -2.28
N GLN A 188 3.30 7.81 -2.18
CA GLN A 188 2.60 8.79 -3.01
C GLN A 188 2.25 10.01 -2.15
N VAL A 189 2.67 11.20 -2.58
CA VAL A 189 2.32 12.47 -1.93
C VAL A 189 1.47 13.30 -2.90
N ALA A 190 0.26 13.69 -2.47
CA ALA A 190 -0.63 14.43 -3.37
C ALA A 190 -1.57 15.39 -2.65
N PRO A 191 -1.70 16.65 -3.09
CA PRO A 191 -2.71 17.54 -2.52
C PRO A 191 -4.11 17.21 -3.04
N ILE A 192 -5.09 17.34 -2.16
CA ILE A 192 -6.50 17.10 -2.49
C ILE A 192 -7.26 18.38 -2.15
N SER A 193 -7.90 18.99 -3.16
CA SER A 193 -8.80 20.13 -2.96
C SER A 193 -10.00 19.90 -3.88
N PHE A 194 -11.01 19.21 -3.34
CA PHE A 194 -12.21 18.80 -4.07
C PHE A 194 -11.90 17.86 -5.23
N ALA A 195 -10.65 17.44 -5.38
CA ALA A 195 -10.19 16.56 -6.45
C ALA A 195 -8.70 16.37 -6.22
N LEU A 196 -8.13 15.37 -6.89
CA LEU A 196 -6.68 15.18 -6.86
C LEU A 196 -6.03 16.25 -7.74
N ILE A 197 -5.10 17.01 -7.15
CA ILE A 197 -4.39 18.08 -7.88
C ILE A 197 -3.16 17.45 -8.50
N ARG A 198 -3.27 17.06 -9.76
CA ARG A 198 -2.24 16.26 -10.42
C ARG A 198 -0.87 16.93 -10.39
N GLU A 199 -0.85 18.25 -10.60
CA GLU A 199 0.42 18.97 -10.71
C GLU A 199 1.26 18.84 -9.46
N GLY A 200 0.64 18.52 -8.32
CA GLY A 200 1.33 18.39 -7.06
C GLY A 200 1.77 17.00 -6.69
N LEU A 201 1.58 16.00 -7.54
CA LEU A 201 1.99 14.64 -7.21
C LEU A 201 3.52 14.53 -7.12
N VAL A 202 4.00 13.94 -6.02
CA VAL A 202 5.41 13.66 -5.79
C VAL A 202 5.52 12.22 -5.30
N ALA A 203 6.38 11.43 -5.93
CA ALA A 203 6.53 10.01 -5.61
C ALA A 203 7.94 9.68 -5.17
N LEU A 204 8.05 8.81 -4.15
CA LEU A 204 9.32 8.38 -3.59
C LEU A 204 9.53 6.89 -3.82
N ASN A 205 10.74 6.51 -4.22
CA ASN A 205 11.08 5.12 -4.52
C ASN A 205 11.56 4.36 -3.27
N ARG A 206 10.79 4.48 -2.19
CA ARG A 206 11.04 3.77 -0.95
C ARG A 206 9.70 3.37 -0.34
N GLY A 207 9.71 2.26 0.38
CA GLY A 207 8.53 1.82 1.10
C GLY A 207 8.89 0.74 2.11
N GLY A 208 7.88 -0.03 2.51
CA GLY A 208 8.13 -1.14 3.42
C GLY A 208 9.19 -2.13 2.94
N ALA A 209 9.34 -2.27 1.62
CA ALA A 209 10.38 -3.16 1.09
C ALA A 209 11.78 -2.73 1.53
N GLU A 210 12.01 -1.42 1.68
CA GLU A 210 13.31 -0.93 2.12
C GLU A 210 13.54 -1.20 3.61
N ALA A 211 12.49 -1.14 4.42
CA ALA A 211 12.62 -1.53 5.82
C ALA A 211 12.96 -3.01 5.92
N ASN A 212 12.35 -3.86 5.08
CA ASN A 212 12.73 -5.26 5.05
C ASN A 212 14.16 -5.47 4.55
N ALA A 213 14.58 -4.68 3.56
CA ALA A 213 15.90 -4.87 2.98
C ALA A 213 17.00 -4.61 4.01
N ILE A 214 16.85 -3.57 4.83
CA ILE A 214 17.90 -3.31 5.83
C ILE A 214 17.77 -4.29 7.01
N THR A 215 16.56 -4.75 7.34
CA THR A 215 16.40 -5.81 8.34
C THR A 215 17.17 -7.06 7.92
N ARG A 216 17.06 -7.46 6.66
CA ARG A 216 17.78 -8.62 6.17
C ARG A 216 19.29 -8.46 6.35
N GLU A 217 19.83 -7.27 6.06
CA GLU A 217 21.28 -7.10 6.16
C GLU A 217 21.74 -7.07 7.63
N ILE A 218 20.92 -6.50 8.52
CA ILE A 218 21.23 -6.56 9.94
C ILE A 218 21.26 -7.99 10.43
N LEU A 219 20.26 -8.79 10.03
CA LEU A 219 20.21 -10.20 10.45
C LEU A 219 21.46 -10.96 10.02
N LYS A 220 21.92 -10.75 8.79
CA LYS A 220 23.15 -11.40 8.35
C LYS A 220 24.34 -10.99 9.20
N ASP A 221 24.49 -9.68 9.49
CA ASP A 221 25.59 -9.21 10.31
C ASP A 221 25.58 -9.86 11.70
N ILE A 222 24.39 -10.08 12.26
CA ILE A 222 24.30 -10.71 13.59
C ILE A 222 24.70 -12.18 13.53
N GLY A 223 24.44 -12.86 12.42
CA GLY A 223 24.78 -14.26 12.28
C GLY A 223 23.61 -15.16 11.90
N TYR A 224 22.55 -14.57 11.35
CA TYR A 224 21.37 -15.31 10.94
C TYR A 224 21.18 -15.27 9.43
N SER A 225 22.25 -15.55 8.67
CA SER A 225 22.15 -15.46 7.22
C SER A 225 21.16 -16.48 6.64
N ASP A 226 21.07 -17.66 7.23
CA ASP A 226 20.16 -18.68 6.69
C ASP A 226 18.70 -18.27 6.87
N ILE A 227 18.34 -17.82 8.07
CA ILE A 227 16.99 -17.29 8.31
C ILE A 227 16.70 -16.14 7.36
N ALA A 228 17.68 -15.25 7.15
CA ALA A 228 17.48 -14.06 6.34
C ALA A 228 17.17 -14.36 4.88
N ARG A 229 17.38 -15.60 4.43
CA ARG A 229 17.00 -15.96 3.07
C ARG A 229 15.50 -16.18 2.90
N GLU A 230 14.73 -16.23 4.00
CA GLU A 230 13.29 -16.48 3.96
C GLU A 230 12.55 -15.16 4.12
N GLU A 231 11.80 -14.77 3.09
CA GLU A 231 11.18 -13.45 3.08
C GLU A 231 10.11 -13.32 4.17
N TYR A 232 9.35 -14.39 4.42
CA TYR A 232 8.34 -14.33 5.48
C TYR A 232 8.98 -14.03 6.83
N ALA A 233 10.19 -14.55 7.08
CA ALA A 233 10.82 -14.39 8.38
C ALA A 233 11.37 -12.98 8.55
N VAL A 234 11.93 -12.43 7.48
CA VAL A 234 12.41 -11.05 7.52
C VAL A 234 11.24 -10.10 7.84
N GLU A 235 10.07 -10.37 7.27
CA GLU A 235 8.87 -9.56 7.51
C GLU A 235 8.47 -9.60 8.99
N VAL A 236 8.42 -10.80 9.58
CA VAL A 236 8.10 -10.92 11.00
C VAL A 236 9.09 -10.13 11.86
N VAL A 237 10.40 -10.25 11.55
CA VAL A 237 11.40 -9.56 12.36
C VAL A 237 11.25 -8.04 12.21
N LYS A 238 11.02 -7.57 10.97
CA LYS A 238 10.86 -6.13 10.73
C LYS A 238 9.75 -5.54 11.59
N ARG A 239 8.55 -6.14 11.55
CA ARG A 239 7.43 -5.64 12.34
C ARG A 239 7.72 -5.68 13.83
N ALA A 240 8.42 -6.73 14.29
CA ALA A 240 8.60 -6.92 15.73
C ALA A 240 9.64 -5.98 16.31
N VAL A 241 10.76 -5.76 15.64
CA VAL A 241 11.90 -5.06 16.25
C VAL A 241 12.14 -3.67 15.69
N GLY A 242 11.52 -3.28 14.58
CA GLY A 242 11.78 -1.97 14.01
C GLY A 242 11.35 -0.83 14.93
N LEU A 243 12.17 0.23 14.95
CA LEU A 243 11.90 1.44 15.70
C LEU A 243 12.16 2.66 14.83
N VAL A 244 11.42 3.73 15.07
CA VAL A 244 11.59 5.03 14.43
C VAL A 244 12.22 5.98 15.45
N PRO A 245 13.36 6.60 15.16
CA PRO A 245 13.92 7.56 16.12
C PRO A 245 13.22 8.90 16.08
N ARG A 246 13.26 9.60 17.22
CA ARG A 246 12.93 11.01 17.19
C ARG A 246 14.00 11.77 16.40
N ARG A 247 15.27 11.53 16.73
CA ARG A 247 16.41 12.03 15.95
C ARG A 247 17.50 10.96 16.01
N LEU A 248 17.92 10.44 14.85
CA LEU A 248 18.68 9.19 14.81
C LEU A 248 19.94 9.23 15.67
N LYS A 249 20.75 10.29 15.57
CA LYS A 249 22.00 10.32 16.31
C LYS A 249 21.78 10.26 17.82
N GLU A 250 20.72 10.90 18.32
CA GLU A 250 20.41 10.81 19.75
C GLU A 250 19.95 9.41 20.13
N ALA A 251 19.15 8.78 19.27
CA ALA A 251 18.68 7.42 19.58
C ALA A 251 19.84 6.44 19.62
N ILE A 252 20.79 6.55 18.68
CA ILE A 252 21.92 5.64 18.66
C ILE A 252 22.79 5.83 19.90
N ARG A 253 23.03 7.07 20.32
CA ARG A 253 23.84 7.29 21.53
C ARG A 253 23.19 6.65 22.75
N ALA A 254 21.86 6.77 22.88
CA ALA A 254 21.17 6.15 24.00
C ALA A 254 21.27 4.63 23.97
N ALA A 255 21.10 4.02 22.78
CA ALA A 255 21.13 2.56 22.71
C ALA A 255 22.53 1.99 22.87
N LYS A 256 23.58 2.78 22.59
CA LYS A 256 24.94 2.31 22.84
C LYS A 256 25.36 2.54 24.28
N SER A 257 24.75 3.48 24.99
CA SER A 257 25.04 3.69 26.41
C SER A 257 24.34 2.66 27.29
N ASP A 258 23.10 2.30 26.94
CA ASP A 258 22.27 1.41 27.74
C ASP A 258 21.66 0.36 26.82
N PRO A 259 22.49 -0.51 26.24
CA PRO A 259 21.97 -1.46 25.24
C PRO A 259 20.91 -2.41 25.78
N ASP A 260 20.91 -2.70 27.08
CA ASP A 260 19.95 -3.67 27.62
C ASP A 260 18.52 -3.18 27.48
N ARG A 261 18.31 -1.86 27.43
CA ARG A 261 16.96 -1.33 27.19
C ARG A 261 16.41 -1.76 25.85
N PHE A 262 17.28 -2.07 24.89
CA PHE A 262 16.88 -2.23 23.50
C PHE A 262 17.14 -3.61 22.92
N VAL A 263 17.75 -4.52 23.70
CA VAL A 263 17.82 -5.92 23.28
C VAL A 263 16.41 -6.50 23.25
N THR A 264 16.21 -7.49 22.39
CA THR A 264 14.89 -8.10 22.26
C THR A 264 15.01 -9.44 21.56
N LYS A 265 13.92 -10.21 21.60
CA LYS A 265 13.86 -11.54 20.99
C LYS A 265 12.55 -11.70 20.21
N VAL A 266 12.61 -12.50 19.15
CA VAL A 266 11.49 -12.72 18.25
C VAL A 266 11.31 -14.22 18.05
N ARG A 267 10.12 -14.73 18.36
CA ARG A 267 9.79 -16.12 18.09
C ARG A 267 9.24 -16.22 16.66
N LEU A 268 9.89 -17.05 15.84
CA LEU A 268 9.48 -17.27 14.46
C LEU A 268 8.70 -18.59 14.27
N SER A 269 8.88 -19.56 15.16
CA SER A 269 8.18 -20.84 15.09
C SER A 269 8.36 -21.57 16.40
N PRO A 270 7.72 -22.72 16.61
CA PRO A 270 7.98 -23.47 17.85
C PRO A 270 9.44 -23.83 18.06
N VAL A 271 10.25 -23.88 17.00
CA VAL A 271 11.66 -24.23 17.13
C VAL A 271 12.59 -23.02 16.99
N VAL A 272 12.21 -22.01 16.20
CA VAL A 272 13.14 -20.96 15.75
C VAL A 272 12.91 -19.68 16.55
N GLU A 273 14.00 -19.09 17.06
CA GLU A 273 13.95 -17.79 17.72
C GLU A 273 15.16 -16.95 17.32
N VAL A 274 14.96 -15.64 17.16
CA VAL A 274 16.01 -14.69 16.81
C VAL A 274 16.23 -13.73 17.97
N GLU A 275 17.49 -13.45 18.29
CA GLU A 275 17.86 -12.54 19.36
C GLU A 275 18.66 -11.37 18.79
N ILE A 276 18.27 -10.15 19.15
CA ILE A 276 19.02 -8.95 18.81
C ILE A 276 19.94 -8.64 20.00
N PRO A 277 21.26 -8.84 19.87
CA PRO A 277 22.14 -8.69 21.04
C PRO A 277 22.62 -7.26 21.26
N ARG A 278 23.44 -7.06 22.31
CA ARG A 278 23.84 -5.72 22.72
C ARG A 278 24.53 -4.96 21.59
N GLU A 279 25.49 -5.60 20.94
CA GLU A 279 26.32 -4.91 19.95
C GLU A 279 25.49 -4.30 18.83
N TYR A 280 24.32 -4.88 18.53
CA TYR A 280 23.51 -4.47 17.40
C TYR A 280 22.16 -3.89 17.79
N ALA A 281 21.90 -3.72 19.08
CA ALA A 281 20.57 -3.25 19.50
C ALA A 281 20.25 -1.88 18.91
N TRP A 282 21.24 -0.99 18.81
CA TRP A 282 21.00 0.32 18.21
C TRP A 282 20.49 0.25 16.76
N THR A 283 20.76 -0.85 16.05
CA THR A 283 20.36 -0.89 14.64
C THR A 283 18.86 -0.99 14.45
N ARG A 284 18.09 -1.29 15.51
CA ARG A 284 16.64 -1.29 15.41
C ARG A 284 16.12 0.03 14.84
N PHE A 285 16.81 1.15 15.15
CA PHE A 285 16.37 2.46 14.68
C PHE A 285 16.60 2.68 13.19
N LEU A 286 17.48 1.91 12.54
CA LEU A 286 17.65 2.05 11.10
C LEU A 286 16.44 1.51 10.34
N ILE A 287 15.77 0.50 10.89
CA ILE A 287 14.68 -0.18 10.20
C ILE A 287 13.47 0.74 10.03
N GLY A 288 13.11 1.48 11.09
CA GLY A 288 12.03 2.45 10.98
C GLY A 288 12.41 3.73 10.25
N GLU A 289 13.67 4.18 10.39
CA GLU A 289 14.07 5.48 9.84
C GLU A 289 14.12 5.49 8.31
N ILE A 290 14.43 4.35 7.68
CA ILE A 290 14.82 4.37 6.26
C ILE A 290 13.69 4.86 5.37
N VAL A 291 12.43 4.63 5.76
CA VAL A 291 11.34 5.12 4.92
C VAL A 291 11.21 6.64 4.98
N PHE A 292 11.57 7.25 6.12
CA PHE A 292 11.42 8.69 6.28
C PHE A 292 12.58 9.47 5.68
N ASP A 293 13.79 8.94 5.80
CA ASP A 293 15.01 9.61 5.39
C ASP A 293 16.15 8.60 5.32
N PRO A 294 16.65 8.27 4.12
CA PRO A 294 17.75 7.31 4.02
C PRO A 294 19.14 7.91 4.10
N ASN A 295 19.27 9.22 4.28
CA ASN A 295 20.57 9.91 4.14
C ASN A 295 21.28 9.95 5.50
N HIS A 296 21.85 8.79 5.86
CA HIS A 296 22.56 8.58 7.11
C HIS A 296 23.74 7.65 6.82
N GLU A 297 24.88 7.92 7.46
CA GLU A 297 26.09 7.15 7.21
C GLU A 297 25.90 5.67 7.50
N GLU A 298 25.12 5.35 8.55
CA GLU A 298 24.94 3.96 8.95
C GLU A 298 24.13 3.16 7.92
N ILE A 299 23.30 3.84 7.11
CA ILE A 299 22.61 3.21 5.98
C ILE A 299 23.50 3.17 4.74
N LYS A 300 24.20 4.28 4.47
CA LYS A 300 25.12 4.35 3.33
C LYS A 300 26.17 3.25 3.37
N SER A 301 26.54 2.79 4.57
CA SER A 301 27.54 1.74 4.70
C SER A 301 27.13 0.47 3.93
N TYR A 302 25.86 0.09 3.99
CA TYR A 302 25.42 -1.09 3.25
C TYR A 302 25.39 -0.83 1.75
N ILE A 303 25.09 0.40 1.34
CA ILE A 303 25.17 0.77 -0.07
C ILE A 303 26.60 0.63 -0.58
N GLU A 304 27.57 1.09 0.20
CA GLU A 304 28.97 1.03 -0.22
C GLU A 304 29.46 -0.40 -0.36
N GLN A 305 28.87 -1.34 0.39
CA GLN A 305 29.20 -2.76 0.31
C GLN A 305 28.45 -3.47 -0.81
N SER A 306 27.65 -2.76 -1.61
CA SER A 306 26.83 -3.35 -2.66
C SER A 306 25.80 -4.33 -2.09
N ARG A 307 25.30 -4.05 -0.88
CA ARG A 307 24.32 -4.90 -0.21
C ARG A 307 22.94 -4.26 -0.09
N LEU A 308 22.76 -3.03 -0.57
CA LEU A 308 21.53 -2.27 -0.46
C LEU A 308 21.50 -1.26 -1.60
N ARG A 309 20.31 -1.03 -2.17
CA ARG A 309 20.14 -0.05 -3.24
C ARG A 309 19.16 1.05 -2.82
N ILE A 310 19.53 2.30 -3.11
CA ILE A 310 18.66 3.46 -2.96
C ILE A 310 18.88 4.32 -4.20
N GLU A 311 17.87 4.39 -5.07
CA GLU A 311 18.03 4.94 -6.40
C GLU A 311 16.71 5.50 -6.91
N ASN A 312 16.79 6.36 -7.94
CA ASN A 312 15.59 6.83 -8.62
C ASN A 312 15.04 5.73 -9.53
N ALA A 313 13.75 5.86 -9.86
CA ALA A 313 13.12 5.07 -10.90
C ALA A 313 12.23 5.98 -11.74
N VAL A 314 11.99 5.58 -12.98
CA VAL A 314 11.09 6.30 -13.88
C VAL A 314 10.03 5.33 -14.38
N ILE A 315 8.76 5.76 -14.30
CA ILE A 315 7.63 5.01 -14.82
C ILE A 315 6.81 5.99 -15.67
N GLY A 316 6.89 5.85 -16.98
CA GLY A 316 6.15 6.76 -17.85
C GLY A 316 6.62 8.18 -17.65
N ASP A 317 5.71 9.03 -17.18
CA ASP A 317 5.95 10.47 -17.07
C ASP A 317 6.34 10.93 -15.67
N VAL A 318 6.55 10.02 -14.73
CA VAL A 318 6.80 10.38 -13.33
C VAL A 318 8.14 9.80 -12.89
N THR A 319 8.93 10.62 -12.20
CA THR A 319 10.17 10.17 -11.56
C THR A 319 9.88 9.87 -10.09
N LEU A 320 10.34 8.72 -9.63
CA LEU A 320 10.24 8.32 -8.23
C LEU A 320 11.61 8.53 -7.60
N TYR A 321 11.69 9.43 -6.62
CA TYR A 321 12.98 9.83 -6.08
C TYR A 321 13.45 8.89 -4.97
N GLY A 322 14.70 8.42 -5.10
CA GLY A 322 15.26 7.51 -4.11
C GLY A 322 15.67 8.17 -2.81
N GLU A 323 16.26 9.38 -2.88
CA GLU A 323 16.88 9.97 -1.70
C GLU A 323 16.04 11.00 -0.97
N MET A 324 15.05 11.62 -1.62
CA MET A 324 14.29 12.72 -1.02
C MET A 324 13.55 12.28 0.24
N ASP A 325 13.69 13.04 1.33
CA ASP A 325 13.01 12.69 2.56
C ASP A 325 11.53 13.10 2.51
N VAL A 326 10.74 12.53 3.42
CA VAL A 326 9.29 12.72 3.39
C VAL A 326 8.92 14.19 3.59
N ALA A 327 9.63 14.90 4.48
CA ALA A 327 9.31 16.32 4.68
C ALA A 327 9.57 17.15 3.43
N SER A 328 10.70 16.93 2.77
CA SER A 328 11.00 17.62 1.53
C SER A 328 9.96 17.31 0.45
N ALA A 329 9.44 16.09 0.43
CA ALA A 329 8.41 15.75 -0.55
C ALA A 329 7.12 16.52 -0.29
N ILE A 330 6.74 16.67 0.98
CA ILE A 330 5.54 17.46 1.29
C ILE A 330 5.74 18.92 0.85
N ILE A 331 6.92 19.48 1.12
CA ILE A 331 7.18 20.88 0.79
C ILE A 331 7.24 21.07 -0.72
N THR A 332 7.86 20.13 -1.43
CA THR A 332 7.87 20.17 -2.90
C THR A 332 6.47 20.10 -3.49
N SER A 333 5.64 19.19 -2.97
CA SER A 333 4.27 19.08 -3.45
C SER A 333 3.54 20.41 -3.38
N LEU A 334 3.65 21.10 -2.24
CA LEU A 334 2.97 22.38 -2.08
C LEU A 334 3.51 23.41 -3.05
N ARG A 335 4.83 23.45 -3.23
CA ARG A 335 5.43 24.44 -4.12
C ARG A 335 4.95 24.28 -5.56
N ASN A 336 4.53 23.08 -5.95
CA ASN A 336 4.17 22.82 -7.34
C ASN A 336 2.71 23.12 -7.66
N VAL A 337 1.95 23.65 -6.70
CA VAL A 337 0.57 24.04 -6.95
C VAL A 337 0.41 25.53 -6.62
N SER A 338 -0.71 26.11 -7.04
CA SER A 338 -0.92 27.54 -6.88
C SER A 338 -1.05 27.91 -5.41
N VAL A 339 -0.77 29.19 -5.11
CA VAL A 339 -0.86 29.64 -3.73
C VAL A 339 -2.27 29.51 -3.20
N GLU A 340 -3.28 29.71 -4.05
CA GLU A 340 -4.66 29.57 -3.60
C GLU A 340 -4.92 28.14 -3.09
N ILE A 341 -4.40 27.14 -3.79
CA ILE A 341 -4.59 25.76 -3.34
C ILE A 341 -3.79 25.50 -2.07
N GLN A 342 -2.55 26.00 -2.01
CA GLN A 342 -1.73 25.78 -0.82
C GLN A 342 -2.44 26.24 0.44
N GLU A 343 -3.06 27.42 0.40
CA GLU A 343 -3.70 27.95 1.59
C GLU A 343 -4.86 27.07 2.04
N ARG A 344 -5.47 26.33 1.11
CA ARG A 344 -6.59 25.46 1.46
C ARG A 344 -6.12 24.15 2.08
N VAL A 345 -5.05 23.57 1.56
CA VAL A 345 -4.69 22.19 1.89
C VAL A 345 -3.59 22.07 2.93
N ALA A 346 -2.79 23.13 3.16
CA ALA A 346 -1.62 22.97 3.99
C ALA A 346 -1.97 22.80 5.47
N SER A 347 -3.23 22.98 5.85
CA SER A 347 -3.65 22.84 7.24
C SER A 347 -3.73 21.39 7.71
N GLN A 348 -3.83 20.41 6.80
CA GLN A 348 -4.09 19.02 7.20
C GLN A 348 -3.21 18.08 6.39
N ILE A 349 -2.28 17.42 7.07
CA ILE A 349 -1.45 16.37 6.48
C ILE A 349 -1.92 15.03 7.03
N ILE A 350 -2.20 14.07 6.15
CA ILE A 350 -2.80 12.79 6.54
C ILE A 350 -1.90 11.65 6.05
N LEU A 351 -1.38 10.86 7.00
CA LEU A 351 -0.58 9.69 6.67
C LEU A 351 -1.47 8.45 6.58
N SER A 352 -1.22 7.61 5.58
CA SER A 352 -1.96 6.37 5.32
C SER A 352 -1.03 5.30 4.76
N GLY A 353 -1.45 4.05 4.86
CA GLY A 353 -0.69 2.94 4.34
C GLY A 353 0.12 2.22 5.40
N GLY A 354 0.32 0.91 5.19
CA GLY A 354 0.96 0.06 6.18
C GLY A 354 2.38 0.45 6.55
N ALA A 355 3.11 1.12 5.64
CA ALA A 355 4.50 1.50 5.91
C ALA A 355 4.62 2.50 7.05
N PHE A 356 3.51 3.08 7.51
CA PHE A 356 3.53 4.06 8.59
C PHE A 356 2.89 3.53 9.88
N SER A 357 2.82 2.20 10.07
CA SER A 357 2.10 1.58 11.18
C SER A 357 2.85 1.58 12.53
N TRP A 358 4.07 2.11 12.59
CA TRP A 358 4.96 1.93 13.74
C TRP A 358 4.35 2.39 15.07
N ARG A 359 4.61 1.62 16.14
CA ARG A 359 4.22 1.95 17.51
C ARG A 359 5.45 2.06 18.42
N VAL A 360 5.35 2.89 19.46
CA VAL A 360 6.44 3.13 20.39
C VAL A 360 6.30 2.16 21.57
N PRO A 361 7.30 1.34 21.86
CA PRO A 361 7.20 0.44 23.03
C PRO A 361 7.12 1.22 24.32
N PRO A 362 6.33 0.76 25.30
CA PRO A 362 6.27 1.47 26.59
C PRO A 362 7.65 1.68 27.19
N GLY A 363 7.91 2.90 27.63
CA GLY A 363 9.19 3.26 28.23
C GLY A 363 10.17 3.93 27.28
N MET A 364 9.93 3.89 25.97
CA MET A 364 10.87 4.40 24.99
C MET A 364 10.48 5.77 24.45
N GLU A 365 9.57 6.46 25.12
CA GLU A 365 9.06 7.74 24.63
C GLU A 365 10.14 8.81 24.56
N ASP A 366 11.25 8.64 25.28
CA ASP A 366 12.32 9.64 25.26
C ASP A 366 13.11 9.61 23.95
N VAL A 367 13.20 8.46 23.29
CA VAL A 367 14.06 8.32 22.11
C VAL A 367 13.33 7.84 20.87
N ALA A 368 12.17 7.20 20.98
CA ALA A 368 11.47 6.61 19.84
C ALA A 368 10.16 7.35 19.56
N ALA A 369 9.65 7.16 18.34
CA ALA A 369 8.58 8.00 17.81
C ALA A 369 7.62 7.16 16.97
N ASP A 370 6.36 7.59 16.90
CA ASP A 370 5.46 7.07 15.87
C ASP A 370 5.59 7.95 14.61
N SER A 371 4.88 7.57 13.55
CA SER A 371 5.05 8.25 12.27
C SER A 371 4.64 9.71 12.33
N VAL A 372 3.54 10.02 13.02
CA VAL A 372 3.09 11.41 13.15
C VAL A 372 4.18 12.26 13.79
N THR A 373 4.80 11.77 14.87
CA THR A 373 5.82 12.56 15.56
C THR A 373 7.05 12.76 14.69
N ARG A 374 7.49 11.70 14.00
CA ARG A 374 8.67 11.78 13.14
C ARG A 374 8.48 12.81 12.03
N VAL A 375 7.27 12.88 11.46
CA VAL A 375 7.02 13.83 10.37
C VAL A 375 6.93 15.25 10.92
N LYS A 376 6.34 15.43 12.10
CA LYS A 376 6.28 16.77 12.71
C LYS A 376 7.68 17.30 13.02
N ILE A 377 8.54 16.45 13.58
CA ILE A 377 9.92 16.85 13.86
C ILE A 377 10.60 17.31 12.58
N ALA A 378 10.41 16.56 11.49
CA ALA A 378 11.05 16.90 10.23
C ALA A 378 10.54 18.24 9.69
N LEU A 379 9.23 18.47 9.79
CA LEU A 379 8.66 19.72 9.30
C LEU A 379 9.13 20.90 10.12
N GLU A 380 9.25 20.72 11.44
CA GLU A 380 9.73 21.81 12.30
C GLU A 380 11.16 22.22 11.93
N GLU A 381 11.96 21.29 11.39
CA GLU A 381 13.32 21.62 11.01
C GLU A 381 13.39 22.32 9.66
N LYS A 382 12.57 21.89 8.70
CA LYS A 382 12.70 22.37 7.33
C LYS A 382 11.76 23.50 6.97
N SER A 383 10.73 23.76 7.79
CA SER A 383 9.81 24.86 7.51
C SER A 383 9.04 25.21 8.79
N PRO A 384 9.66 25.98 9.69
CA PRO A 384 8.99 26.30 10.96
C PRO A 384 7.64 26.98 10.81
N ALA A 385 7.46 27.81 9.78
CA ALA A 385 6.17 28.47 9.59
C ALA A 385 5.07 27.46 9.31
N LEU A 386 5.29 26.57 8.34
CA LEU A 386 4.33 25.52 8.04
C LEU A 386 4.06 24.68 9.29
N ALA A 387 5.11 24.28 10.00
CA ALA A 387 4.96 23.38 11.13
C ALA A 387 4.08 23.98 12.23
N SER A 388 4.11 25.29 12.42
CA SER A 388 3.32 25.89 13.49
C SER A 388 1.84 25.95 13.18
N LYS A 389 1.44 25.73 11.92
CA LYS A 389 0.05 25.89 11.49
C LYS A 389 -0.60 24.59 11.04
N VAL A 390 0.13 23.48 11.00
CA VAL A 390 -0.38 22.25 10.38
C VAL A 390 -0.74 21.25 11.48
N GLU A 391 -1.70 20.39 11.16
CA GLU A 391 -2.02 19.21 11.96
C GLU A 391 -1.67 17.98 11.14
N VAL A 392 -0.99 17.03 11.78
CA VAL A 392 -0.59 15.78 11.14
C VAL A 392 -1.28 14.63 11.88
N ARG A 393 -1.81 13.67 11.13
CA ARG A 393 -2.44 12.51 11.76
C ARG A 393 -2.25 11.27 10.90
N LEU A 394 -2.45 10.12 11.54
CA LEU A 394 -2.43 8.82 10.89
C LEU A 394 -3.85 8.23 10.89
N VAL A 395 -4.28 7.69 9.76
CA VAL A 395 -5.62 7.13 9.67
C VAL A 395 -5.76 5.96 10.66
N SER A 396 -7.00 5.73 11.11
CA SER A 396 -7.25 4.73 12.15
C SER A 396 -6.80 3.33 11.75
N GLU A 397 -7.03 2.94 10.50
CA GLU A 397 -6.68 1.59 10.04
C GLU A 397 -5.81 1.77 8.80
N PRO A 398 -4.48 1.81 8.98
CA PRO A 398 -3.61 2.24 7.87
C PRO A 398 -3.77 1.45 6.58
N GLN A 399 -4.06 0.15 6.63
CA GLN A 399 -4.15 -0.65 5.41
C GLN A 399 -5.55 -0.67 4.81
N TYR A 400 -6.58 -0.18 5.53
CA TYR A 400 -7.96 -0.27 5.08
C TYR A 400 -8.56 1.07 4.60
N SER A 401 -7.85 2.18 4.77
CA SER A 401 -8.44 3.50 4.49
C SER A 401 -8.81 3.66 3.02
N VAL A 402 -7.94 3.25 2.10
CA VAL A 402 -8.25 3.33 0.66
C VAL A 402 -9.55 2.59 0.34
N TRP A 403 -9.68 1.33 0.81
CA TRP A 403 -10.90 0.56 0.52
C TRP A 403 -12.16 1.26 1.04
N ARG A 404 -12.10 1.81 2.26
CA ARG A 404 -13.28 2.52 2.79
C ARG A 404 -13.65 3.70 1.90
N GLY A 405 -12.66 4.46 1.41
CA GLY A 405 -12.98 5.57 0.53
C GLY A 405 -13.48 5.13 -0.83
N ALA A 406 -13.01 3.99 -1.33
CA ALA A 406 -13.52 3.45 -2.58
C ALA A 406 -15.00 3.10 -2.48
N VAL A 407 -15.43 2.51 -1.36
CA VAL A 407 -16.84 2.12 -1.25
C VAL A 407 -17.73 3.35 -1.07
N ILE A 408 -17.26 4.36 -0.33
CA ILE A 408 -18.01 5.61 -0.23
C ILE A 408 -18.14 6.25 -1.62
N TYR A 409 -17.04 6.29 -2.38
CA TYR A 409 -17.07 6.86 -3.73
C TYR A 409 -18.05 6.11 -4.62
N GLY A 410 -18.02 4.78 -4.58
CA GLY A 410 -18.94 4.00 -5.38
C GLY A 410 -20.39 4.18 -4.99
N TYR A 411 -20.65 4.42 -3.70
CA TYR A 411 -22.01 4.66 -3.24
C TYR A 411 -22.54 6.02 -3.72
N ALA A 412 -21.69 7.03 -3.78
CA ALA A 412 -22.15 8.41 -3.97
C ALA A 412 -22.07 8.92 -5.40
N LEU A 413 -21.17 8.40 -6.22
CA LEU A 413 -21.00 8.95 -7.56
C LEU A 413 -22.27 8.74 -8.38
N PRO A 414 -22.85 9.79 -8.97
CA PRO A 414 -24.13 9.63 -9.67
C PRO A 414 -24.05 8.65 -10.83
N LEU A 415 -25.07 7.81 -10.96
CA LEU A 415 -25.10 6.84 -12.05
C LEU A 415 -25.36 7.50 -13.41
N SER A 416 -25.80 8.76 -13.42
CA SER A 416 -25.91 9.51 -14.67
C SER A 416 -24.56 9.98 -15.21
N LEU A 417 -23.48 9.88 -14.43
CA LEU A 417 -22.17 10.39 -14.86
C LEU A 417 -21.46 9.27 -15.61
N GLU A 418 -21.43 9.39 -16.95
CA GLU A 418 -20.79 8.38 -17.79
C GLU A 418 -19.29 8.63 -17.89
N TRP A 419 -18.52 7.55 -17.98
CA TRP A 419 -17.06 7.67 -18.09
C TRP A 419 -16.69 8.54 -19.27
N SER A 420 -15.76 9.47 -19.03
CA SER A 420 -15.17 10.30 -20.07
C SER A 420 -13.67 10.10 -20.06
N ASP A 421 -13.10 9.85 -21.25
CA ASP A 421 -11.65 9.79 -21.39
C ASP A 421 -10.99 11.15 -21.19
N THR A 422 -11.77 12.23 -21.21
CA THR A 422 -11.24 13.58 -21.04
C THR A 422 -11.14 13.96 -19.58
N THR A 423 -12.20 13.75 -18.81
CA THR A 423 -12.20 14.11 -17.40
C THR A 423 -11.70 12.98 -16.51
N ARG A 424 -11.60 11.76 -17.02
CA ARG A 424 -11.07 10.63 -16.25
C ARG A 424 -11.95 10.29 -15.05
N GLU A 425 -13.27 10.46 -15.18
CA GLU A 425 -14.20 10.03 -14.14
C GLU A 425 -15.49 9.58 -14.80
N GLY A 426 -16.28 8.81 -14.06
CA GLY A 426 -17.59 8.33 -14.49
C GLY A 426 -17.69 6.81 -14.45
N TRP A 427 -18.89 6.33 -14.79
CA TRP A 427 -19.21 4.90 -14.78
C TRP A 427 -19.17 4.28 -16.17
N ARG A 428 -18.79 3.01 -16.23
CA ARG A 428 -18.99 2.15 -17.41
C ARG A 428 -19.96 1.03 -17.05
N PHE A 429 -20.77 0.63 -18.02
CA PHE A 429 -21.82 -0.36 -17.81
C PHE A 429 -21.61 -1.56 -18.72
N PRO A 430 -21.20 -2.73 -18.20
CA PRO A 430 -21.00 -3.89 -19.07
C PRO A 430 -22.32 -4.42 -19.67
N GLY B 1 -16.96 9.15 10.84
CA GLY B 1 -16.74 8.24 9.73
C GLY B 1 -18.02 7.67 9.15
N GLY B 2 -19.15 8.25 9.54
CA GLY B 2 -20.41 7.87 8.96
C GLY B 2 -20.65 8.53 7.61
N ILE B 3 -21.52 7.91 6.81
CA ILE B 3 -21.75 8.39 5.46
C ILE B 3 -22.59 9.67 5.47
N GLY B 4 -23.56 9.75 6.37
CA GLY B 4 -24.46 10.89 6.38
C GLY B 4 -23.77 12.22 6.65
N GLU B 5 -22.69 12.20 7.42
CA GLU B 5 -21.97 13.41 7.79
C GLU B 5 -20.80 13.71 6.88
N ASN B 6 -20.52 12.84 5.90
CA ASN B 6 -19.36 12.99 5.04
C ASN B 6 -19.62 14.04 3.96
N GLU B 7 -18.82 15.11 3.96
CA GLU B 7 -19.04 16.23 3.05
C GLU B 7 -18.82 15.86 1.58
N TRP B 8 -18.07 14.78 1.31
CA TRP B 8 -17.83 14.38 -0.07
C TRP B 8 -19.10 13.85 -0.75
N VAL B 9 -20.08 13.36 0.01
CA VAL B 9 -21.28 12.81 -0.60
C VAL B 9 -22.02 13.89 -1.40
N LYS B 10 -22.16 15.09 -0.81
CA LYS B 10 -22.81 16.18 -1.54
C LYS B 10 -21.97 16.63 -2.73
N ILE B 11 -20.65 16.69 -2.56
CA ILE B 11 -19.77 17.12 -3.67
C ILE B 11 -19.89 16.16 -4.84
N LEU B 12 -19.84 14.86 -4.57
CA LEU B 12 -19.88 13.87 -5.65
C LEU B 12 -21.25 13.83 -6.32
N ARG B 13 -22.32 13.91 -5.52
CA ARG B 13 -23.67 13.89 -6.10
C ARG B 13 -23.97 15.11 -6.95
N SER B 14 -23.20 16.20 -6.81
CA SER B 14 -23.39 17.38 -7.62
C SER B 14 -22.75 17.28 -9.01
N LYS B 15 -21.94 16.26 -9.26
CA LYS B 15 -21.20 16.19 -10.52
C LYS B 15 -22.14 15.91 -11.69
N ARG B 16 -21.84 16.54 -12.82
CA ARG B 16 -22.65 16.38 -14.04
C ARG B 16 -21.76 16.13 -15.26
PB ADP C . 0.59 -2.09 -0.35
O1B ADP C . 1.89 -2.67 0.17
O2B ADP C . 0.84 -1.04 -1.39
O3B ADP C . -0.43 -3.17 -0.70
PA ADP C . -0.35 -1.57 2.42
O1A ADP C . -1.07 -0.35 2.96
O2A ADP C . -1.04 -2.91 2.44
O3A ADP C . -0.02 -1.21 0.87
O5' ADP C . 1.09 -1.67 3.14
C5' ADP C . 1.82 -2.89 3.32
C4' ADP C . 3.18 -2.57 3.93
O4' ADP C . 2.97 -2.19 5.30
C3' ADP C . 4.16 -3.73 3.93
O3' ADP C . 5.47 -3.29 3.50
C2' ADP C . 4.18 -4.19 5.37
O2' ADP C . 5.42 -4.80 5.76
C1' ADP C . 3.90 -2.89 6.11
N9 ADP C . 3.34 -3.12 7.45
C8 ADP C . 2.13 -3.63 7.74
N7 ADP C . 1.94 -3.68 9.08
C5 ADP C . 3.04 -3.18 9.67
C6 ADP C . 3.50 -2.95 11.06
N6 ADP C . 2.70 -3.27 12.10
N1 ADP C . 4.73 -2.41 11.24
C2 ADP C . 5.53 -2.08 10.20
N3 ADP C . 5.17 -2.28 8.90
C4 ADP C . 3.97 -2.81 8.60
#